data_5AXQ
#
_entry.id   5AXQ
#
_cell.length_a   49.685
_cell.length_b   81.793
_cell.length_c   159.849
_cell.angle_alpha   90.000
_cell.angle_beta   90.000
_cell.angle_gamma   90.000
#
_symmetry.space_group_name_H-M   'P 21 21 21'
#
loop_
_entity.id
_entity.type
_entity.pdbx_description
1 polymer "cAMP and cAMP-inhibited cGMP 3',5'-cyclic phosphodiesterase 10A"
2 non-polymer 'MAGNESIUM ION'
3 non-polymer 'ZINC ION'
4 non-polymer 1-(cyclopropylmethyl)-4-fluoranyl-5-[5-methoxy-4-oxidanylidene-3-(2-phenylpyrazol-3-yl)pyridazin-1-yl]-3,3-dimethyl-indol-2-one
5 non-polymer 3-[3-fluoranyl-4-[5-methoxy-4-oxidanylidene-3-(2-phenylpyrazol-3-yl)pyridazin-1-yl]phenyl]-1,3-oxazolidin-2-one
6 water water
#
_entity_poly.entity_id   1
_entity_poly.type   'polypeptide(L)'
_entity_poly.pdbx_seq_one_letter_code
;TSEEWQGLMQFTLPVRLCKEIELFHFDIGPFENMWPGIFVYMVHRSCGTSCFELEKLCRFIMSVKKNYRRVPYHNWKHAV
TVAHCMYAILQNNHTLFTDLERKGLLIACLCHDLDHRGFSNSYLQKFDHPLAALYSTSTMEQHHFSQTVSILQLEGHNIF
STLSSSEYEQVLEIIRKAIIATDLALYFGNRKQLEEMYQTGSLNLNNQSHRDRVIGLMMTACDLCSVTKLWPVTKLTAND
IYAEFWAEGDEMKKLGIQPIPMMDRDKKDEVPQGQLGFYNAVAIPCYTTLTQILPPTEPLLKACRDNLSQWEKVIRGEET
ATWISSPSVAQKAAASED
;
_entity_poly.pdbx_strand_id   A,B
#
# COMPACT_ATOMS: atom_id res chain seq x y z
N GLU A 4 7.63 -44.66 -0.62
CA GLU A 4 8.02 -43.22 -0.47
C GLU A 4 7.73 -42.69 0.94
N TRP A 5 6.55 -43.00 1.46
CA TRP A 5 6.13 -42.52 2.77
C TRP A 5 6.92 -43.12 3.94
N GLN A 6 7.46 -44.32 3.75
CA GLN A 6 8.24 -44.98 4.80
C GLN A 6 9.59 -44.31 5.03
N GLY A 7 10.25 -43.92 3.93
CA GLY A 7 11.54 -43.22 3.99
C GLY A 7 11.42 -41.84 4.61
N LEU A 8 10.24 -41.24 4.46
CA LEU A 8 9.91 -39.97 5.11
C LEU A 8 9.95 -40.10 6.64
N MET A 9 9.42 -41.21 7.17
CA MET A 9 9.41 -41.46 8.63
C MET A 9 10.81 -41.38 9.24
N GLN A 10 11.81 -41.75 8.45
CA GLN A 10 13.21 -41.78 8.88
C GLN A 10 13.92 -40.43 8.73
N PHE A 11 13.36 -39.54 7.93
CA PHE A 11 14.02 -38.26 7.63
C PHE A 11 14.37 -37.43 8.87
N THR A 12 15.58 -36.88 8.86
CA THR A 12 16.01 -35.90 9.85
C THR A 12 16.50 -34.65 9.13
N LEU A 13 15.99 -33.50 9.52
CA LEU A 13 16.43 -32.22 8.96
C LEU A 13 17.90 -32.01 9.28
N PRO A 14 18.72 -31.67 8.26
CA PRO A 14 20.13 -31.38 8.55
C PRO A 14 20.28 -30.23 9.55
N VAL A 15 21.15 -30.44 10.53
CA VAL A 15 21.30 -29.51 11.66
C VAL A 15 21.61 -28.07 11.21
N ARG A 16 22.33 -27.92 10.11
CA ARG A 16 22.69 -26.60 9.59
C ARG A 16 21.46 -25.77 9.18
N LEU A 17 20.30 -26.43 9.04
CA LEU A 17 19.05 -25.74 8.69
C LEU A 17 18.14 -25.41 9.87
N CYS A 18 18.51 -25.84 11.07
CA CYS A 18 17.67 -25.66 12.25
C CYS A 18 17.44 -24.21 12.65
N LYS A 19 18.43 -23.36 12.45
CA LYS A 19 18.21 -21.95 12.71
C LYS A 19 17.58 -21.22 11.54
N GLU A 20 18.03 -21.55 10.32
CA GLU A 20 17.58 -20.86 9.11
C GLU A 20 16.09 -20.98 8.85
N ILE A 21 15.56 -22.16 9.14
CA ILE A 21 14.14 -22.49 8.92
C ILE A 21 13.18 -21.64 9.79
N GLU A 22 13.69 -21.10 10.91
CA GLU A 22 12.89 -20.24 11.78
C GLU A 22 12.63 -18.84 11.23
N LEU A 23 13.44 -18.42 10.26
CA LEU A 23 13.35 -17.07 9.70
C LEU A 23 12.25 -16.98 8.65
N PHE A 24 11.56 -15.84 8.64
CA PHE A 24 10.50 -15.61 7.66
C PHE A 24 10.97 -15.70 6.21
N HIS A 25 12.19 -15.21 5.93
CA HIS A 25 12.66 -15.16 4.55
C HIS A 25 13.30 -16.47 4.06
N PHE A 26 13.29 -17.50 4.89
CA PHE A 26 13.84 -18.80 4.49
C PHE A 26 13.27 -19.24 3.15
N ASP A 27 14.16 -19.68 2.26
CA ASP A 27 13.77 -20.14 0.92
C ASP A 27 13.96 -21.65 0.83
N ILE A 28 12.86 -22.37 0.63
CA ILE A 28 12.93 -23.83 0.53
C ILE A 28 13.51 -24.30 -0.82
N GLY A 29 13.60 -23.36 -1.77
CA GLY A 29 14.02 -23.64 -3.16
C GLY A 29 15.11 -24.67 -3.38
N PRO A 30 16.27 -24.50 -2.71
CA PRO A 30 17.40 -25.42 -2.92
C PRO A 30 17.25 -26.82 -2.30
N PHE A 31 16.13 -27.11 -1.66
CA PHE A 31 16.02 -28.35 -0.87
C PHE A 31 14.87 -29.29 -1.27
N GLU A 32 14.62 -29.42 -2.56
CA GLU A 32 13.44 -30.17 -3.06
C GLU A 32 13.21 -31.56 -2.43
N ASN A 33 14.24 -32.39 -2.42
CA ASN A 33 14.09 -33.73 -1.88
C ASN A 33 13.70 -33.74 -0.39
N MET A 34 13.98 -32.64 0.30
CA MET A 34 13.62 -32.49 1.72
C MET A 34 12.25 -31.89 1.99
N TRP A 35 11.50 -31.45 0.97
CA TRP A 35 10.25 -30.71 1.26
C TRP A 35 9.26 -31.47 2.14
N PRO A 36 8.98 -32.76 1.82
CA PRO A 36 8.08 -33.49 2.73
C PRO A 36 8.62 -33.57 4.16
N GLY A 37 9.92 -33.85 4.30
CA GLY A 37 10.55 -33.92 5.63
C GLY A 37 10.55 -32.58 6.36
N ILE A 38 10.64 -31.50 5.59
CA ILE A 38 10.56 -30.15 6.15
C ILE A 38 9.17 -29.88 6.74
N PHE A 39 8.11 -30.34 6.07
CA PHE A 39 6.77 -30.21 6.63
C PHE A 39 6.59 -31.02 7.93
N VAL A 40 7.12 -32.24 7.93
CA VAL A 40 7.10 -33.07 9.14
C VAL A 40 7.82 -32.35 10.27
N TYR A 41 8.99 -31.79 9.96
CA TYR A 41 9.78 -31.06 10.93
C TYR A 41 8.96 -29.92 11.53
N MET A 42 8.29 -29.14 10.68
CA MET A 42 7.55 -27.97 11.14
C MET A 42 6.36 -28.35 11.99
N VAL A 43 5.65 -29.40 11.59
CA VAL A 43 4.55 -29.91 12.39
C VAL A 43 5.04 -30.33 13.78
N HIS A 44 6.12 -31.09 13.82
CA HIS A 44 6.69 -31.57 15.08
C HIS A 44 7.10 -30.47 16.04
N ARG A 45 7.75 -29.42 15.52
CA ARG A 45 8.15 -28.31 16.39
C ARG A 45 7.00 -27.43 16.86
N SER A 46 5.98 -27.27 16.02
CA SER A 46 4.86 -26.38 16.29
C SER A 46 3.72 -27.04 17.07
N CYS A 47 3.44 -28.32 16.77
CA CYS A 47 2.30 -29.02 17.36
C CYS A 47 2.70 -30.15 18.32
N GLY A 48 3.99 -30.44 18.39
CA GLY A 48 4.51 -31.56 19.16
C GLY A 48 4.67 -32.83 18.34
N THR A 49 5.58 -33.71 18.76
CA THR A 49 5.80 -35.00 18.09
C THR A 49 4.70 -36.02 18.37
N SER A 50 3.95 -35.79 19.44
CA SER A 50 2.82 -36.65 19.83
C SER A 50 1.50 -36.20 19.21
N CYS A 51 1.56 -35.14 18.41
CA CYS A 51 0.38 -34.55 17.79
C CYS A 51 -0.31 -35.51 16.82
N PHE A 52 0.45 -36.01 15.85
CA PHE A 52 -0.08 -36.95 14.87
C PHE A 52 0.62 -38.30 14.98
N GLU A 53 -0.09 -39.37 14.64
CA GLU A 53 0.54 -40.66 14.45
C GLU A 53 1.43 -40.53 13.23
N LEU A 54 2.71 -40.78 13.41
CA LEU A 54 3.72 -40.50 12.38
C LEU A 54 3.43 -41.16 11.02
N GLU A 55 3.04 -42.42 11.04
CA GLU A 55 2.72 -43.14 9.81
C GLU A 55 1.58 -42.49 9.01
N LYS A 56 0.50 -42.12 9.70
CA LYS A 56 -0.66 -41.50 9.04
C LYS A 56 -0.26 -40.15 8.45
N LEU A 57 0.50 -39.38 9.23
CA LEU A 57 1.02 -38.09 8.76
C LEU A 57 1.87 -38.26 7.51
N CYS A 58 2.74 -39.27 7.49
CA CYS A 58 3.59 -39.49 6.34
C CYS A 58 2.82 -39.91 5.09
N ARG A 59 1.84 -40.81 5.25
CA ARG A 59 0.96 -41.18 4.14
C ARG A 59 0.22 -39.96 3.60
N PHE A 60 -0.32 -39.15 4.52
CA PHE A 60 -1.10 -37.97 4.17
C PHE A 60 -0.27 -36.98 3.34
N ILE A 61 0.94 -36.69 3.81
CA ILE A 61 1.82 -35.72 3.15
C ILE A 61 2.14 -36.17 1.73
N MET A 62 2.45 -37.45 1.57
CA MET A 62 2.77 -37.98 0.25
C MET A 62 1.57 -37.97 -0.70
N SER A 63 0.37 -38.19 -0.18
CA SER A 63 -0.83 -38.11 -1.01
C SER A 63 -1.14 -36.66 -1.41
N VAL A 64 -0.84 -35.72 -0.51
CA VAL A 64 -1.01 -34.30 -0.81
C VAL A 64 -0.05 -33.92 -1.96
N LYS A 65 1.21 -34.31 -1.82
CA LYS A 65 2.24 -34.02 -2.82
C LYS A 65 1.82 -34.52 -4.21
N LYS A 66 1.32 -35.74 -4.24
CA LYS A 66 0.93 -36.36 -5.53
C LYS A 66 -0.28 -35.64 -6.15
N ASN A 67 -1.06 -34.96 -5.32
CA ASN A 67 -2.24 -34.26 -5.82
C ASN A 67 -2.05 -32.77 -6.10
N TYR A 68 -0.79 -32.34 -6.13
CA TYR A 68 -0.42 -31.09 -6.78
C TYR A 68 0.06 -31.40 -8.20
N ARG A 69 -0.43 -30.63 -9.16
CA ARG A 69 -0.14 -30.87 -10.58
C ARG A 69 1.16 -30.20 -11.00
N ARG A 70 1.69 -30.60 -12.16
CA ARG A 70 2.92 -30.02 -12.67
C ARG A 70 2.66 -28.73 -13.44
N VAL A 71 2.16 -27.73 -12.73
CA VAL A 71 1.91 -26.40 -13.28
C VAL A 71 3.07 -25.48 -12.86
N PRO A 72 3.22 -24.31 -13.53
CA PRO A 72 4.43 -23.53 -13.29
C PRO A 72 4.51 -22.89 -11.89
N TYR A 73 3.36 -22.54 -11.30
CA TYR A 73 3.39 -21.88 -9.99
C TYR A 73 2.54 -22.56 -8.89
N HIS A 74 1.30 -22.95 -9.18
CA HIS A 74 0.43 -23.54 -8.14
C HIS A 74 0.71 -25.01 -7.96
N ASN A 75 1.91 -25.29 -7.47
CA ASN A 75 2.43 -26.65 -7.42
C ASN A 75 2.90 -26.99 -6.00
N TRP A 76 3.52 -28.15 -5.86
CA TRP A 76 3.97 -28.64 -4.57
C TRP A 76 4.94 -27.66 -3.89
N LYS A 77 5.83 -27.05 -4.68
CA LYS A 77 6.74 -26.05 -4.13
C LYS A 77 5.98 -24.92 -3.42
N HIS A 78 4.93 -24.42 -4.05
CA HIS A 78 4.12 -23.35 -3.49
C HIS A 78 3.44 -23.79 -2.18
N ALA A 79 2.92 -25.01 -2.16
CA ALA A 79 2.27 -25.57 -0.98
C ALA A 79 3.19 -25.51 0.24
N VAL A 80 4.40 -26.01 0.07
CA VAL A 80 5.38 -26.06 1.16
C VAL A 80 5.86 -24.65 1.56
N THR A 81 6.02 -23.77 0.58
CA THR A 81 6.42 -22.37 0.82
C THR A 81 5.40 -21.66 1.70
N VAL A 82 4.12 -21.84 1.37
CA VAL A 82 3.01 -21.23 2.15
C VAL A 82 2.96 -21.85 3.56
N ALA A 83 3.10 -23.17 3.64
CA ALA A 83 3.13 -23.85 4.94
C ALA A 83 4.28 -23.34 5.80
N HIS A 84 5.44 -23.09 5.19
CA HIS A 84 6.57 -22.58 5.98
C HIS A 84 6.32 -21.17 6.52
N CYS A 85 5.74 -20.29 5.70
CA CYS A 85 5.39 -18.97 6.20
C CYS A 85 4.43 -19.05 7.41
N MET A 86 3.45 -19.95 7.35
CA MET A 86 2.53 -20.12 8.46
C MET A 86 3.27 -20.59 9.72
N TYR A 87 4.16 -21.57 9.54
CA TYR A 87 5.02 -22.03 10.61
C TYR A 87 5.73 -20.86 11.30
N ALA A 88 6.35 -19.98 10.51
CA ALA A 88 7.07 -18.83 11.06
C ALA A 88 6.13 -17.87 11.81
N ILE A 89 4.94 -17.63 11.26
CA ILE A 89 3.94 -16.81 11.97
C ILE A 89 3.57 -17.43 13.33
N LEU A 90 3.27 -18.74 13.33
CA LEU A 90 2.82 -19.44 14.53
C LEU A 90 3.92 -19.48 15.59
N GLN A 91 5.14 -19.78 15.14
CA GLN A 91 6.29 -19.84 16.05
C GLN A 91 6.59 -18.51 16.72
N ASN A 92 6.29 -17.40 16.03
CA ASN A 92 6.56 -16.05 16.55
C ASN A 92 5.39 -15.44 17.32
N ASN A 93 4.29 -16.18 17.38
CA ASN A 93 3.10 -15.76 18.14
C ASN A 93 2.61 -16.90 19.02
N HIS A 94 3.52 -17.42 19.84
CA HIS A 94 3.31 -18.67 20.60
C HIS A 94 2.12 -18.71 21.57
N THR A 95 1.71 -17.55 22.09
CA THR A 95 0.63 -17.50 23.08
C THR A 95 -0.80 -17.43 22.49
N LEU A 96 -0.89 -17.02 21.22
CA LEU A 96 -2.16 -16.58 20.66
C LEU A 96 -3.08 -17.67 20.13
N PHE A 97 -2.52 -18.71 19.54
CA PHE A 97 -3.31 -19.73 18.87
C PHE A 97 -3.42 -21.01 19.67
N THR A 98 -4.56 -21.68 19.54
CA THR A 98 -4.79 -22.95 20.22
C THR A 98 -4.06 -24.08 19.52
N ASP A 99 -3.94 -25.22 20.19
CA ASP A 99 -3.28 -26.39 19.62
C ASP A 99 -4.02 -26.89 18.36
N LEU A 100 -5.36 -26.81 18.40
CA LEU A 100 -6.19 -27.21 17.27
C LEU A 100 -6.01 -26.27 16.07
N GLU A 101 -5.88 -24.98 16.34
CA GLU A 101 -5.62 -23.98 15.30
C GLU A 101 -4.25 -24.18 14.66
N ARG A 102 -3.21 -24.40 15.46
CA ARG A 102 -1.87 -24.60 14.89
C ARG A 102 -1.86 -25.83 13.97
N LYS A 103 -2.44 -26.93 14.43
CA LYS A 103 -2.65 -28.14 13.60
C LYS A 103 -3.41 -27.85 12.32
N GLY A 104 -4.60 -27.27 12.47
CA GLY A 104 -5.47 -26.97 11.34
C GLY A 104 -4.79 -26.09 10.30
N LEU A 105 -4.16 -25.01 10.76
CA LEU A 105 -3.58 -24.03 9.85
C LEU A 105 -2.35 -24.51 9.07
N LEU A 106 -1.48 -25.27 9.72
CA LEU A 106 -0.36 -25.89 8.97
C LEU A 106 -0.89 -26.84 7.89
N ILE A 107 -1.88 -27.66 8.25
CA ILE A 107 -2.50 -28.58 7.29
C ILE A 107 -3.23 -27.79 6.19
N ALA A 108 -3.95 -26.74 6.58
CA ALA A 108 -4.68 -25.94 5.61
C ALA A 108 -3.72 -25.37 4.58
N CYS A 109 -2.57 -24.87 5.06
CA CYS A 109 -1.61 -24.25 4.15
C CYS A 109 -1.03 -25.26 3.16
N LEU A 110 -0.66 -26.44 3.63
CA LEU A 110 -0.13 -27.45 2.72
C LEU A 110 -1.15 -27.86 1.65
N CYS A 111 -2.42 -27.83 2.04
CA CYS A 111 -3.52 -28.30 1.19
C CYS A 111 -4.24 -27.23 0.37
N HIS A 112 -3.89 -25.96 0.58
CA HIS A 112 -4.78 -24.86 0.17
C HIS A 112 -4.92 -24.66 -1.34
N ASP A 113 -4.02 -25.23 -2.14
CA ASP A 113 -4.14 -25.18 -3.61
C ASP A 113 -4.21 -26.58 -4.25
N LEU A 114 -4.73 -27.56 -3.50
CA LEU A 114 -4.71 -28.96 -3.98
C LEU A 114 -5.40 -29.14 -5.32
N ASP A 115 -4.71 -29.79 -6.26
CA ASP A 115 -5.25 -30.13 -7.59
C ASP A 115 -5.55 -28.89 -8.43
N HIS A 116 -4.81 -27.81 -8.21
CA HIS A 116 -4.92 -26.59 -9.02
C HIS A 116 -4.57 -26.93 -10.46
N ARG A 117 -5.32 -26.35 -11.41
CA ARG A 117 -5.12 -26.64 -12.84
C ARG A 117 -4.39 -25.53 -13.59
N GLY A 118 -4.02 -24.47 -12.87
CA GLY A 118 -3.37 -23.29 -13.45
C GLY A 118 -4.33 -22.25 -13.98
N PHE A 119 -5.60 -22.36 -13.61
CA PHE A 119 -6.61 -21.40 -14.06
C PHE A 119 -7.26 -20.65 -12.90
N SER A 120 -7.52 -19.36 -13.13
CA SER A 120 -8.24 -18.52 -12.17
C SER A 120 -9.71 -18.95 -12.10
N ASN A 121 -10.37 -18.56 -11.01
CA ASN A 121 -11.83 -18.69 -10.92
C ASN A 121 -12.56 -18.00 -12.07
N SER A 122 -12.10 -16.81 -12.42
CA SER A 122 -12.70 -16.03 -13.51
C SER A 122 -12.77 -16.84 -14.80
N TYR A 123 -11.65 -17.48 -15.14
CA TYR A 123 -11.55 -18.34 -16.33
C TYR A 123 -12.61 -19.44 -16.32
N LEU A 124 -12.69 -20.16 -15.19
CA LEU A 124 -13.60 -21.30 -15.05
C LEU A 124 -15.07 -20.90 -15.15
N GLN A 125 -15.41 -19.77 -14.55
CA GLN A 125 -16.77 -19.24 -14.59
C GLN A 125 -17.17 -18.78 -16.00
N LYS A 126 -16.25 -18.09 -16.68
CA LYS A 126 -16.47 -17.57 -18.03
C LYS A 126 -16.76 -18.68 -19.03
N PHE A 127 -16.08 -19.81 -18.89
CA PHE A 127 -16.26 -20.93 -19.81
C PHE A 127 -17.15 -22.07 -19.31
N ASP A 128 -17.87 -21.83 -18.21
CA ASP A 128 -18.86 -22.79 -17.72
C ASP A 128 -18.19 -24.16 -17.52
N HIS A 129 -17.01 -24.15 -16.91
CA HIS A 129 -16.31 -25.36 -16.53
C HIS A 129 -17.13 -26.04 -15.43
N PRO A 130 -17.15 -27.40 -15.40
CA PRO A 130 -17.90 -28.16 -14.40
C PRO A 130 -17.64 -27.75 -12.95
N LEU A 131 -16.40 -27.38 -12.63
CA LEU A 131 -16.09 -26.91 -11.27
C LEU A 131 -16.84 -25.62 -10.94
N ALA A 132 -16.99 -24.74 -11.93
CA ALA A 132 -17.74 -23.49 -11.75
C ALA A 132 -19.25 -23.72 -11.70
N ALA A 133 -19.72 -24.75 -12.41
CA ALA A 133 -21.12 -25.16 -12.32
C ALA A 133 -21.41 -25.71 -10.93
N LEU A 134 -20.42 -26.38 -10.34
CA LEU A 134 -20.54 -26.94 -8.99
C LEU A 134 -20.36 -25.87 -7.90
N TYR A 135 -19.30 -25.06 -8.02
CA TYR A 135 -18.96 -24.05 -7.04
C TYR A 135 -19.02 -22.67 -7.67
N SER A 136 -20.12 -21.95 -7.46
CA SER A 136 -20.37 -20.66 -8.13
C SER A 136 -19.42 -19.54 -7.72
N THR A 137 -19.02 -19.51 -6.45
CA THR A 137 -18.08 -18.50 -5.95
C THR A 137 -16.90 -19.22 -5.27
N SER A 138 -15.75 -18.53 -5.17
CA SER A 138 -14.50 -19.12 -4.66
C SER A 138 -14.34 -20.54 -5.23
N THR A 139 -14.46 -20.64 -6.55
CA THR A 139 -14.59 -21.93 -7.24
C THR A 139 -13.48 -22.92 -6.91
N MET A 140 -12.24 -22.53 -7.18
CA MET A 140 -11.11 -23.44 -6.95
C MET A 140 -10.93 -23.71 -5.47
N GLU A 141 -11.15 -22.70 -4.63
CA GLU A 141 -10.94 -22.88 -3.18
C GLU A 141 -11.87 -23.94 -2.58
N GLN A 142 -13.12 -23.98 -3.05
CA GLN A 142 -14.05 -25.03 -2.61
C GLN A 142 -13.54 -26.39 -3.08
N HIS A 143 -13.01 -26.43 -4.30
CA HIS A 143 -12.40 -27.65 -4.81
C HIS A 143 -11.20 -28.08 -3.96
N HIS A 144 -10.33 -27.13 -3.61
CA HIS A 144 -9.16 -27.47 -2.77
C HIS A 144 -9.58 -28.10 -1.43
N PHE A 145 -10.61 -27.54 -0.80
CA PHE A 145 -11.10 -28.12 0.45
C PHE A 145 -11.71 -29.49 0.22
N SER A 146 -12.46 -29.62 -0.87
CA SER A 146 -13.05 -30.91 -1.23
C SER A 146 -11.95 -31.97 -1.39
N GLN A 147 -10.85 -31.61 -2.03
CA GLN A 147 -9.72 -32.52 -2.24
C GLN A 147 -9.05 -32.90 -0.91
N THR A 148 -8.96 -31.93 0.00
CA THR A 148 -8.40 -32.15 1.33
C THR A 148 -9.20 -33.21 2.10
N VAL A 149 -10.52 -33.07 2.08
CA VAL A 149 -11.43 -33.99 2.77
C VAL A 149 -11.32 -35.39 2.18
N SER A 150 -11.23 -35.48 0.84
CA SER A 150 -11.12 -36.76 0.15
C SER A 150 -9.84 -37.49 0.55
N ILE A 151 -8.75 -36.74 0.69
CA ILE A 151 -7.47 -37.32 1.08
C ILE A 151 -7.53 -37.80 2.54
N LEU A 152 -8.18 -37.00 3.40
CA LEU A 152 -8.33 -37.35 4.82
C LEU A 152 -9.10 -38.64 5.02
N GLN A 153 -10.09 -38.86 4.14
CA GLN A 153 -10.98 -40.02 4.25
C GLN A 153 -10.43 -41.31 3.59
N LEU A 154 -9.22 -41.22 3.02
CA LEU A 154 -8.52 -42.39 2.50
C LEU A 154 -8.06 -43.28 3.64
N GLU A 155 -7.97 -44.59 3.38
CA GLU A 155 -7.54 -45.52 4.40
C GLU A 155 -6.11 -45.23 4.86
N GLY A 156 -5.93 -45.16 6.17
CA GLY A 156 -4.62 -44.87 6.77
C GLY A 156 -4.18 -43.42 6.69
N HIS A 157 -5.08 -42.54 6.24
CA HIS A 157 -4.74 -41.11 6.04
C HIS A 157 -5.40 -40.15 7.04
N ASN A 158 -6.33 -40.64 7.85
CA ASN A 158 -7.01 -39.73 8.79
C ASN A 158 -6.11 -39.38 9.98
N ILE A 159 -5.36 -38.30 9.79
CA ILE A 159 -4.42 -37.80 10.78
C ILE A 159 -5.14 -37.24 12.00
N PHE A 160 -6.44 -37.00 11.85
CA PHE A 160 -7.27 -36.44 12.91
C PHE A 160 -8.14 -37.50 13.60
N SER A 161 -7.86 -38.77 13.32
CA SER A 161 -8.67 -39.89 13.81
C SER A 161 -8.74 -39.94 15.34
N THR A 162 -7.68 -39.47 16.00
CA THR A 162 -7.55 -39.51 17.46
C THR A 162 -7.97 -38.20 18.14
N LEU A 163 -8.75 -37.38 17.44
CA LEU A 163 -9.48 -36.27 18.06
C LEU A 163 -10.91 -36.75 18.33
N SER A 164 -11.58 -36.10 19.26
CA SER A 164 -12.98 -36.39 19.54
C SER A 164 -13.87 -35.88 18.41
N SER A 165 -15.11 -36.37 18.38
CA SER A 165 -16.11 -35.96 17.39
C SER A 165 -16.22 -34.43 17.24
N SER A 166 -16.34 -33.74 18.37
CA SER A 166 -16.48 -32.28 18.40
C SER A 166 -15.20 -31.57 17.92
N GLU A 167 -14.05 -32.06 18.38
CA GLU A 167 -12.74 -31.54 17.97
C GLU A 167 -12.49 -31.75 16.47
N TYR A 168 -12.99 -32.87 15.93
CA TYR A 168 -12.83 -33.18 14.52
C TYR A 168 -13.59 -32.20 13.64
N GLU A 169 -14.87 -31.95 13.95
CA GLU A 169 -15.64 -30.99 13.16
C GLU A 169 -15.07 -29.58 13.31
N GLN A 170 -14.59 -29.24 14.52
CA GLN A 170 -13.95 -27.95 14.76
C GLN A 170 -12.73 -27.70 13.86
N VAL A 171 -11.79 -28.66 13.81
CA VAL A 171 -10.58 -28.50 12.99
C VAL A 171 -10.90 -28.45 11.50
N LEU A 172 -11.90 -29.23 11.07
CA LEU A 172 -12.31 -29.23 9.66
C LEU A 172 -12.91 -27.90 9.25
N GLU A 173 -13.58 -27.23 10.18
CA GLU A 173 -14.11 -25.90 9.94
C GLU A 173 -13.02 -24.84 9.91
N ILE A 174 -12.03 -24.97 10.79
CA ILE A 174 -10.83 -24.12 10.73
C ILE A 174 -10.19 -24.25 9.34
N ILE A 175 -10.01 -25.49 8.89
CA ILE A 175 -9.37 -25.75 7.60
C ILE A 175 -10.23 -25.20 6.46
N ARG A 176 -11.54 -25.46 6.50
CA ARG A 176 -12.44 -24.94 5.48
C ARG A 176 -12.35 -23.43 5.37
N LYS A 177 -12.52 -22.74 6.50
CA LYS A 177 -12.48 -21.27 6.47
C LYS A 177 -11.13 -20.75 5.99
N ALA A 178 -10.04 -21.40 6.41
CA ALA A 178 -8.70 -20.94 6.03
C ALA A 178 -8.44 -21.09 4.51
N ILE A 179 -8.81 -22.24 3.96
CA ILE A 179 -8.69 -22.45 2.50
C ILE A 179 -9.56 -21.47 1.68
N ILE A 180 -10.81 -21.28 2.09
CA ILE A 180 -11.70 -20.33 1.37
C ILE A 180 -11.11 -18.91 1.43
N ALA A 181 -10.49 -18.58 2.56
CA ALA A 181 -9.90 -17.25 2.74
C ALA A 181 -8.77 -16.95 1.75
N THR A 182 -8.17 -17.99 1.18
CA THR A 182 -7.13 -17.82 0.14
C THR A 182 -7.66 -17.37 -1.22
N ASP A 183 -8.97 -17.24 -1.36
CA ASP A 183 -9.55 -16.60 -2.53
C ASP A 183 -9.27 -15.10 -2.38
N LEU A 184 -8.34 -14.58 -3.20
CA LEU A 184 -7.88 -13.19 -3.06
C LEU A 184 -9.02 -12.16 -3.21
N ALA A 185 -10.08 -12.53 -3.92
CA ALA A 185 -11.26 -11.66 -4.06
C ALA A 185 -11.88 -11.33 -2.71
N LEU A 186 -11.79 -12.27 -1.75
CA LEU A 186 -12.31 -12.10 -0.39
C LEU A 186 -11.40 -11.30 0.54
N TYR A 187 -10.11 -11.23 0.20
CA TYR A 187 -9.12 -10.56 1.05
C TYR A 187 -9.39 -9.07 1.22
N PHE A 188 -9.78 -8.41 0.13
CA PHE A 188 -9.90 -6.95 0.13
C PHE A 188 -10.90 -6.50 1.20
N GLY A 189 -12.05 -7.15 1.23
CA GLY A 189 -13.08 -6.84 2.21
C GLY A 189 -12.64 -7.23 3.61
N ASN A 190 -12.00 -8.40 3.73
CA ASN A 190 -11.50 -8.85 5.04
C ASN A 190 -10.49 -7.87 5.65
N ARG A 191 -9.51 -7.45 4.86
CA ARG A 191 -8.50 -6.49 5.34
C ARG A 191 -9.12 -5.16 5.75
N LYS A 192 -10.10 -4.69 4.97
CA LYS A 192 -10.78 -3.42 5.25
C LYS A 192 -11.52 -3.48 6.59
N GLN A 193 -12.25 -4.57 6.81
CA GLN A 193 -12.95 -4.78 8.08
C GLN A 193 -11.97 -4.86 9.25
N LEU A 194 -10.88 -5.61 9.07
CA LEU A 194 -9.86 -5.70 10.12
C LEU A 194 -9.21 -4.35 10.44
N GLU A 195 -8.91 -3.56 9.41
CA GLU A 195 -8.32 -2.23 9.63
C GLU A 195 -9.25 -1.36 10.46
N GLU A 196 -10.54 -1.39 10.13
CA GLU A 196 -11.55 -0.62 10.86
C GLU A 196 -11.65 -1.04 12.33
N MET A 197 -11.69 -2.35 12.56
CA MET A 197 -11.78 -2.92 13.90
C MET A 197 -10.56 -2.57 14.73
N TYR A 198 -9.39 -2.61 14.09
CA TYR A 198 -8.13 -2.27 14.75
C TYR A 198 -8.12 -0.80 15.22
N GLN A 199 -8.46 0.11 14.32
CA GLN A 199 -8.31 1.53 14.66
C GLN A 199 -9.42 2.09 15.54
N THR A 200 -10.59 1.43 15.56
CA THR A 200 -11.65 1.76 16.51
C THR A 200 -11.47 1.02 17.83
N GLY A 201 -10.47 0.14 17.87
CA GLY A 201 -10.13 -0.64 19.06
C GLY A 201 -11.18 -1.68 19.44
N SER A 202 -11.95 -2.15 18.46
CA SER A 202 -13.00 -3.14 18.69
C SER A 202 -12.57 -4.57 18.38
N LEU A 203 -11.45 -4.71 17.67
CA LEU A 203 -10.84 -6.01 17.42
C LEU A 203 -10.63 -6.76 18.73
N ASN A 204 -11.16 -7.97 18.80
CA ASN A 204 -11.17 -8.76 20.04
C ASN A 204 -10.99 -10.24 19.74
N LEU A 205 -9.81 -10.77 20.06
CA LEU A 205 -9.46 -12.14 19.69
C LEU A 205 -10.19 -13.22 20.50
N ASN A 206 -10.96 -12.80 21.51
CA ASN A 206 -11.93 -13.68 22.17
C ASN A 206 -13.18 -13.91 21.34
N ASN A 207 -13.38 -13.07 20.34
CA ASN A 207 -14.53 -13.17 19.44
C ASN A 207 -14.15 -14.09 18.28
N GLN A 208 -14.88 -15.21 18.14
CA GLN A 208 -14.54 -16.20 17.11
C GLN A 208 -14.56 -15.63 15.70
N SER A 209 -15.49 -14.71 15.42
CA SER A 209 -15.56 -14.12 14.08
C SER A 209 -14.38 -13.19 13.80
N HIS A 210 -13.88 -12.52 14.83
CA HIS A 210 -12.67 -11.71 14.71
C HIS A 210 -11.44 -12.60 14.50
N ARG A 211 -11.36 -13.69 15.26
CA ARG A 211 -10.32 -14.71 15.11
C ARG A 211 -10.29 -15.24 13.68
N ASP A 212 -11.46 -15.59 13.14
CA ASP A 212 -11.56 -16.11 11.76
C ASP A 212 -11.00 -15.09 10.77
N ARG A 213 -11.28 -13.80 11.02
CA ARG A 213 -10.81 -12.73 10.14
C ARG A 213 -9.29 -12.61 10.20
N VAL A 214 -8.74 -12.67 11.40
CA VAL A 214 -7.28 -12.62 11.57
C VAL A 214 -6.62 -13.81 10.88
N ILE A 215 -7.18 -15.01 11.09
CA ILE A 215 -6.68 -16.22 10.44
C ILE A 215 -6.75 -16.07 8.92
N GLY A 216 -7.85 -15.50 8.42
CA GLY A 216 -7.97 -15.24 6.97
C GLY A 216 -6.87 -14.35 6.43
N LEU A 217 -6.54 -13.28 7.16
CA LEU A 217 -5.42 -12.40 6.77
C LEU A 217 -4.07 -13.12 6.82
N MET A 218 -3.86 -13.92 7.87
CA MET A 218 -2.66 -14.76 7.96
C MET A 218 -2.54 -15.65 6.73
N MET A 219 -3.66 -16.25 6.33
CA MET A 219 -3.67 -17.09 5.12
C MET A 219 -3.24 -16.32 3.86
N THR A 220 -3.79 -15.12 3.66
CA THR A 220 -3.38 -14.26 2.55
C THR A 220 -1.89 -13.96 2.61
N ALA A 221 -1.42 -13.55 3.78
CA ALA A 221 -0.03 -13.21 4.00
C ALA A 221 0.89 -14.39 3.65
N CYS A 222 0.51 -15.60 4.06
CA CYS A 222 1.30 -16.78 3.72
C CYS A 222 1.24 -17.10 2.22
N ASP A 223 0.04 -17.03 1.66
CA ASP A 223 -0.19 -17.30 0.25
C ASP A 223 0.65 -16.39 -0.64
N LEU A 224 0.78 -15.12 -0.25
CA LEU A 224 1.52 -14.14 -1.05
C LEU A 224 3.02 -14.06 -0.74
N CYS A 225 3.53 -14.94 0.14
CA CYS A 225 4.88 -14.71 0.74
C CYS A 225 6.09 -14.78 -0.22
N SER A 226 5.88 -15.19 -1.46
CA SER A 226 6.99 -15.07 -2.45
C SER A 226 7.51 -13.64 -2.58
N VAL A 227 6.64 -12.66 -2.33
CA VAL A 227 7.04 -11.24 -2.32
C VAL A 227 7.87 -10.82 -1.09
N THR A 228 8.08 -11.76 -0.15
CA THR A 228 8.80 -11.47 1.09
C THR A 228 10.15 -12.20 1.20
N LYS A 229 10.59 -12.81 0.11
CA LYS A 229 11.87 -13.50 0.10
C LYS A 229 12.99 -12.54 -0.31
N LEU A 230 14.24 -13.00 -0.23
CA LEU A 230 15.35 -12.18 -0.71
C LEU A 230 15.17 -11.97 -2.21
N TRP A 231 15.66 -10.85 -2.72
CA TRP A 231 15.36 -10.43 -4.11
C TRP A 231 15.57 -11.49 -5.21
N PRO A 232 16.71 -12.21 -5.21
CA PRO A 232 16.88 -13.20 -6.30
C PRO A 232 15.82 -14.30 -6.29
N VAL A 233 15.31 -14.64 -5.11
CA VAL A 233 14.28 -15.66 -4.96
C VAL A 233 12.92 -15.14 -5.45
N THR A 234 12.59 -13.92 -5.02
CA THR A 234 11.34 -13.27 -5.36
C THR A 234 11.25 -13.05 -6.87
N LYS A 235 12.35 -12.60 -7.46
CA LYS A 235 12.43 -12.32 -8.89
C LYS A 235 12.17 -13.57 -9.72
N LEU A 236 12.78 -14.68 -9.31
CA LEU A 236 12.56 -15.97 -9.99
C LEU A 236 11.14 -16.48 -9.83
N THR A 237 10.57 -16.32 -8.64
CA THR A 237 9.20 -16.77 -8.42
C THR A 237 8.20 -15.97 -9.26
N ALA A 238 8.47 -14.68 -9.46
CA ALA A 238 7.66 -13.86 -10.37
C ALA A 238 7.64 -14.47 -11.77
N ASN A 239 8.75 -15.05 -12.21
CA ASN A 239 8.81 -15.76 -13.50
C ASN A 239 7.79 -16.89 -13.57
N ASP A 240 7.69 -17.66 -12.49
CA ASP A 240 6.74 -18.79 -12.40
C ASP A 240 5.29 -18.30 -12.41
N ILE A 241 5.00 -17.28 -11.61
CA ILE A 241 3.67 -16.66 -11.56
C ILE A 241 3.19 -16.19 -12.93
N TYR A 242 4.01 -15.42 -13.63
CA TYR A 242 3.62 -14.96 -14.97
C TYR A 242 3.55 -16.07 -16.00
N ALA A 243 4.41 -17.09 -15.87
CA ALA A 243 4.34 -18.26 -16.75
C ALA A 243 2.93 -18.83 -16.67
N GLU A 244 2.39 -18.88 -15.45
CA GLU A 244 1.05 -19.39 -15.26
C GLU A 244 -0.02 -18.40 -15.74
N PHE A 245 0.18 -17.10 -15.49
CA PHE A 245 -0.75 -16.09 -16.00
C PHE A 245 -0.82 -16.18 -17.52
N TRP A 246 0.35 -16.26 -18.15
CA TRP A 246 0.45 -16.26 -19.61
C TRP A 246 -0.10 -17.53 -20.25
N ALA A 247 0.04 -18.67 -19.57
CA ALA A 247 -0.54 -19.93 -20.06
C ALA A 247 -2.07 -19.85 -20.07
N GLU A 248 -2.64 -19.20 -19.06
CA GLU A 248 -4.09 -18.97 -19.02
C GLU A 248 -4.49 -18.05 -20.17
N GLY A 249 -3.72 -16.98 -20.35
CA GLY A 249 -3.92 -16.06 -21.47
C GLY A 249 -3.85 -16.76 -22.82
N ASP A 250 -2.87 -17.65 -22.96
CA ASP A 250 -2.72 -18.45 -24.19
C ASP A 250 -3.95 -19.29 -24.48
N GLU A 251 -4.58 -19.81 -23.43
CA GLU A 251 -5.80 -20.61 -23.57
C GLU A 251 -6.94 -19.78 -24.12
N MET A 252 -7.01 -18.52 -23.66
CA MET A 252 -8.00 -17.59 -24.21
C MET A 252 -7.73 -17.31 -25.68
N LYS A 253 -6.45 -17.12 -26.03
CA LYS A 253 -6.02 -16.87 -27.42
C LYS A 253 -6.34 -18.02 -28.37
N LYS A 254 -6.48 -19.22 -27.84
CA LYS A 254 -6.87 -20.38 -28.63
C LYS A 254 -8.29 -20.26 -29.17
N LEU A 255 -9.13 -19.46 -28.52
CA LEU A 255 -10.45 -19.14 -29.06
C LEU A 255 -10.43 -17.84 -29.89
N GLY A 256 -9.23 -17.28 -30.06
CA GLY A 256 -9.07 -16.02 -30.79
C GLY A 256 -9.30 -14.83 -29.88
N ILE A 257 -9.46 -15.10 -28.57
CA ILE A 257 -9.80 -14.07 -27.59
C ILE A 257 -8.57 -13.38 -26.98
N GLN A 258 -8.55 -12.06 -27.06
CA GLN A 258 -7.50 -11.25 -26.42
C GLN A 258 -7.68 -11.21 -24.92
N PRO A 259 -6.68 -11.71 -24.16
CA PRO A 259 -6.77 -11.69 -22.69
C PRO A 259 -6.45 -10.32 -22.11
N ILE A 260 -6.81 -10.12 -20.84
CA ILE A 260 -6.39 -8.92 -20.11
C ILE A 260 -4.86 -8.84 -20.08
N PRO A 261 -4.30 -7.62 -19.98
CA PRO A 261 -2.85 -7.38 -20.03
C PRO A 261 -2.00 -8.29 -19.12
N MET A 262 -2.44 -8.48 -17.87
CA MET A 262 -1.72 -9.29 -16.88
C MET A 262 -1.47 -10.71 -17.39
N MET A 263 -2.38 -11.19 -18.22
CA MET A 263 -2.29 -12.56 -18.70
C MET A 263 -1.83 -12.69 -20.16
N ASP A 264 -1.33 -11.58 -20.73
CA ASP A 264 -0.89 -11.54 -22.12
C ASP A 264 0.63 -11.52 -22.23
N ARG A 265 1.22 -12.61 -22.74
CA ARG A 265 2.69 -12.69 -22.83
C ARG A 265 3.31 -11.65 -23.77
N ASP A 266 2.50 -11.11 -24.68
CA ASP A 266 2.93 -10.02 -25.55
C ASP A 266 3.04 -8.68 -24.81
N LYS A 267 2.50 -8.61 -23.59
CA LYS A 267 2.55 -7.39 -22.75
C LYS A 267 3.63 -7.51 -21.67
N LYS A 268 4.67 -8.27 -21.99
CA LYS A 268 5.75 -8.64 -21.08
C LYS A 268 6.54 -7.47 -20.52
N ASP A 269 6.71 -6.42 -21.32
CA ASP A 269 7.49 -5.25 -20.94
C ASP A 269 6.84 -4.45 -19.78
N GLU A 270 5.57 -4.73 -19.53
CA GLU A 270 4.81 -4.05 -18.47
C GLU A 270 4.89 -4.77 -17.11
N VAL A 271 5.59 -5.89 -17.05
CA VAL A 271 5.71 -6.67 -15.81
C VAL A 271 6.27 -5.87 -14.60
N PRO A 272 7.40 -5.15 -14.77
CA PRO A 272 7.89 -4.42 -13.61
C PRO A 272 6.86 -3.42 -13.07
N GLN A 273 6.19 -2.66 -13.93
CA GLN A 273 5.11 -1.77 -13.48
C GLN A 273 3.94 -2.51 -12.85
N GLY A 274 3.59 -3.66 -13.43
CA GLY A 274 2.56 -4.53 -12.89
C GLY A 274 2.86 -4.96 -11.45
N GLN A 275 4.11 -5.36 -11.21
CA GLN A 275 4.55 -5.74 -9.87
C GLN A 275 4.49 -4.55 -8.92
N LEU A 276 4.98 -3.40 -9.36
CA LEU A 276 4.94 -2.23 -8.47
C LEU A 276 3.49 -1.95 -8.05
N GLY A 277 2.57 -2.03 -9.01
CA GLY A 277 1.14 -1.80 -8.77
C GLY A 277 0.59 -2.79 -7.78
N PHE A 278 0.95 -4.06 -7.96
CA PHE A 278 0.49 -5.13 -7.07
C PHE A 278 1.01 -4.96 -5.64
N TYR A 279 2.29 -4.65 -5.49
CA TYR A 279 2.87 -4.42 -4.16
C TYR A 279 2.15 -3.28 -3.45
N ASN A 280 1.95 -2.18 -4.17
CA ASN A 280 1.28 -1.03 -3.59
C ASN A 280 -0.22 -1.28 -3.28
N ALA A 281 -0.91 -2.00 -4.16
CA ALA A 281 -2.36 -2.15 -4.01
C ALA A 281 -2.77 -3.33 -3.14
N VAL A 282 -1.92 -4.35 -3.06
CA VAL A 282 -2.28 -5.60 -2.40
C VAL A 282 -1.30 -5.99 -1.30
N ALA A 283 -0.03 -6.21 -1.67
CA ALA A 283 0.95 -6.81 -0.74
C ALA A 283 1.30 -5.91 0.45
N ILE A 284 1.68 -4.66 0.18
CA ILE A 284 1.97 -3.73 1.29
C ILE A 284 0.79 -3.62 2.29
N PRO A 285 -0.43 -3.34 1.82
CA PRO A 285 -1.55 -3.27 2.76
C PRO A 285 -1.76 -4.55 3.57
N CYS A 286 -1.57 -5.70 2.94
CA CYS A 286 -1.71 -6.99 3.61
C CYS A 286 -0.73 -7.11 4.77
N TYR A 287 0.56 -6.93 4.50
CA TYR A 287 1.55 -7.12 5.54
C TYR A 287 1.54 -5.98 6.56
N THR A 288 1.07 -4.80 6.15
CA THR A 288 0.92 -3.67 7.08
C THR A 288 -0.15 -3.99 8.11
N THR A 289 -1.32 -4.41 7.65
CA THR A 289 -2.42 -4.77 8.55
C THR A 289 -2.01 -5.95 9.43
N LEU A 290 -1.34 -6.94 8.86
CA LEU A 290 -0.90 -8.09 9.64
C LEU A 290 0.08 -7.69 10.75
N THR A 291 1.02 -6.81 10.41
CA THR A 291 2.00 -6.32 11.38
C THR A 291 1.34 -5.51 12.51
N GLN A 292 0.31 -4.75 12.17
CA GLN A 292 -0.47 -4.01 13.16
C GLN A 292 -1.12 -4.94 14.18
N ILE A 293 -1.68 -6.04 13.70
CA ILE A 293 -2.40 -6.98 14.56
C ILE A 293 -1.43 -7.91 15.29
N LEU A 294 -0.40 -8.37 14.57
CA LEU A 294 0.60 -9.31 15.07
C LEU A 294 2.00 -8.73 14.90
N PRO A 295 2.45 -7.86 15.83
CA PRO A 295 3.75 -7.19 15.65
C PRO A 295 4.94 -8.10 15.29
N PRO A 296 5.01 -9.35 15.82
CA PRO A 296 6.15 -10.20 15.47
C PRO A 296 6.25 -10.57 13.98
N THR A 297 5.21 -10.29 13.19
CA THR A 297 5.27 -10.56 11.74
C THR A 297 5.94 -9.46 10.93
N GLU A 298 6.42 -8.43 11.63
CA GLU A 298 7.07 -7.29 11.00
C GLU A 298 8.13 -7.62 9.93
N PRO A 299 8.94 -8.69 10.12
CA PRO A 299 9.93 -9.00 9.07
C PRO A 299 9.34 -9.24 7.67
N LEU A 300 8.08 -9.68 7.59
CA LEU A 300 7.41 -9.87 6.31
C LEU A 300 7.19 -8.53 5.61
N LEU A 301 6.69 -7.55 6.35
CA LEU A 301 6.50 -6.21 5.80
C LEU A 301 7.84 -5.60 5.38
N LYS A 302 8.87 -5.79 6.20
CA LYS A 302 10.20 -5.25 5.91
C LYS A 302 10.73 -5.83 4.59
N ALA A 303 10.56 -7.14 4.42
CA ALA A 303 11.01 -7.81 3.21
C ALA A 303 10.20 -7.40 1.99
N CYS A 304 8.89 -7.23 2.18
CA CYS A 304 8.02 -6.76 1.09
C CYS A 304 8.46 -5.36 0.62
N ARG A 305 8.74 -4.46 1.57
CA ARG A 305 9.21 -3.11 1.24
C ARG A 305 10.54 -3.15 0.46
N ASP A 306 11.44 -4.05 0.85
CA ASP A 306 12.72 -4.20 0.15
C ASP A 306 12.52 -4.59 -1.31
N ASN A 307 11.65 -5.57 -1.55
CA ASN A 307 11.38 -6.01 -2.92
C ASN A 307 10.67 -4.96 -3.76
N LEU A 308 9.79 -4.18 -3.12
CA LEU A 308 9.12 -3.07 -3.81
C LEU A 308 10.16 -2.09 -4.35
N SER A 309 11.16 -1.76 -3.54
CA SER A 309 12.20 -0.83 -4.00
C SER A 309 13.03 -1.44 -5.14
N GLN A 310 13.21 -2.76 -5.10
CA GLN A 310 13.87 -3.46 -6.21
C GLN A 310 13.10 -3.33 -7.53
N TRP A 311 11.77 -3.48 -7.48
CA TRP A 311 10.96 -3.30 -8.68
C TRP A 311 11.01 -1.87 -9.20
N GLU A 312 11.03 -0.89 -8.30
CA GLU A 312 11.19 0.52 -8.68
C GLU A 312 12.50 0.72 -9.45
N LYS A 313 13.57 0.11 -8.95
CA LYS A 313 14.88 0.20 -9.63
C LYS A 313 14.83 -0.40 -11.04
N VAL A 314 14.13 -1.52 -11.19
CA VAL A 314 13.94 -2.14 -12.51
C VAL A 314 13.21 -1.18 -13.46
N ILE A 315 12.13 -0.56 -12.99
CA ILE A 315 11.33 0.33 -13.82
C ILE A 315 12.20 1.50 -14.27
N ARG A 316 13.03 2.00 -13.35
CA ARG A 316 13.86 3.18 -13.59
C ARG A 316 15.21 2.83 -14.25
N GLY A 317 15.44 1.55 -14.48
CA GLY A 317 16.63 1.10 -15.21
C GLY A 317 17.91 1.26 -14.41
N GLU A 318 17.82 1.08 -13.10
CA GLU A 318 18.94 1.26 -12.19
C GLU A 318 19.64 -0.06 -11.88
N GLU B 4 1.95 8.75 22.00
CA GLU B 4 2.56 8.30 20.71
C GLU B 4 3.75 9.17 20.31
N TRP B 5 3.70 10.44 20.68
CA TRP B 5 4.77 11.39 20.38
C TRP B 5 6.08 11.04 21.10
N GLN B 6 5.96 10.27 22.18
CA GLN B 6 7.12 9.81 22.95
C GLN B 6 7.99 8.86 22.12
N GLY B 7 7.37 7.87 21.49
CA GLY B 7 8.07 6.93 20.61
C GLY B 7 8.65 7.60 19.36
N LEU B 8 8.02 8.69 18.93
CA LEU B 8 8.48 9.48 17.78
C LEU B 8 9.87 10.09 18.04
N MET B 9 10.13 10.47 19.29
CA MET B 9 11.40 11.10 19.65
C MET B 9 12.63 10.22 19.44
N GLN B 10 12.44 8.89 19.53
CA GLN B 10 13.53 7.93 19.36
C GLN B 10 13.76 7.45 17.92
N PHE B 11 12.85 7.81 17.01
CA PHE B 11 12.89 7.30 15.62
C PHE B 11 14.17 7.64 14.86
N THR B 12 14.67 6.65 14.11
CA THR B 12 15.82 6.81 13.22
C THR B 12 15.47 6.32 11.81
N LEU B 13 15.65 7.19 10.81
CA LEU B 13 15.32 6.83 9.43
C LEU B 13 16.33 5.78 8.96
N PRO B 14 15.84 4.64 8.46
CA PRO B 14 16.70 3.58 7.93
C PRO B 14 17.63 4.10 6.82
N VAL B 15 18.86 3.61 6.81
CA VAL B 15 19.92 4.14 5.94
C VAL B 15 19.57 4.21 4.45
N ARG B 16 18.88 3.19 3.93
CA ARG B 16 18.53 3.18 2.50
C ARG B 16 17.52 4.28 2.16
N LEU B 17 16.63 4.57 3.11
CA LEU B 17 15.66 5.65 2.93
C LEU B 17 16.33 7.02 2.96
N CYS B 18 17.41 7.13 3.74
CA CYS B 18 18.18 8.38 3.79
C CYS B 18 18.65 8.81 2.40
N LYS B 19 19.06 7.85 1.58
CA LYS B 19 19.47 8.16 0.22
C LYS B 19 18.27 8.59 -0.64
N GLU B 20 17.23 7.75 -0.62
CA GLU B 20 16.10 7.88 -1.54
C GLU B 20 15.21 9.07 -1.25
N ILE B 21 15.14 9.47 0.02
CA ILE B 21 14.30 10.60 0.44
C ILE B 21 14.70 11.94 -0.19
N GLU B 22 15.94 12.03 -0.66
CA GLU B 22 16.44 13.26 -1.28
C GLU B 22 15.91 13.46 -2.71
N LEU B 23 15.39 12.39 -3.30
CA LEU B 23 14.96 12.40 -4.68
C LEU B 23 13.50 12.80 -4.84
N PHE B 24 13.20 13.55 -5.90
CA PHE B 24 11.83 14.00 -6.18
C PHE B 24 10.83 12.83 -6.29
N HIS B 25 11.24 11.76 -6.96
CA HIS B 25 10.33 10.65 -7.28
C HIS B 25 10.00 9.76 -6.09
N PHE B 26 10.68 9.97 -4.96
CA PHE B 26 10.45 9.16 -3.77
C PHE B 26 8.96 9.09 -3.44
N ASP B 27 8.46 7.88 -3.20
CA ASP B 27 7.06 7.65 -2.84
C ASP B 27 7.00 7.20 -1.39
N ILE B 28 6.36 8.01 -0.54
CA ILE B 28 6.23 7.68 0.89
C ILE B 28 5.21 6.58 1.17
N GLY B 29 4.40 6.26 0.16
CA GLY B 29 3.30 5.29 0.27
C GLY B 29 3.52 4.04 1.10
N PRO B 30 4.63 3.30 0.86
CA PRO B 30 4.86 2.02 1.53
C PRO B 30 5.30 2.10 2.99
N PHE B 31 5.42 3.32 3.54
CA PHE B 31 6.07 3.50 4.84
C PHE B 31 5.21 4.19 5.92
N GLU B 32 3.92 3.86 5.98
CA GLU B 32 2.98 4.59 6.87
C GLU B 32 3.49 4.83 8.29
N ASN B 33 3.96 3.77 8.94
CA ASN B 33 4.37 3.89 10.33
C ASN B 33 5.51 4.89 10.50
N MET B 34 6.27 5.09 9.43
CA MET B 34 7.40 6.02 9.46
C MET B 34 7.09 7.47 9.12
N TRP B 35 5.87 7.76 8.69
CA TRP B 35 5.59 9.13 8.19
C TRP B 35 5.89 10.29 9.19
N PRO B 36 5.43 10.19 10.45
CA PRO B 36 5.80 11.24 11.42
C PRO B 36 7.32 11.41 11.56
N GLY B 37 8.04 10.28 11.67
CA GLY B 37 9.51 10.28 11.71
C GLY B 37 10.18 10.85 10.46
N ILE B 38 9.60 10.57 9.30
CA ILE B 38 10.08 11.12 8.03
C ILE B 38 9.98 12.65 8.04
N PHE B 39 8.86 13.19 8.52
CA PHE B 39 8.75 14.63 8.60
C PHE B 39 9.79 15.25 9.56
N VAL B 40 10.00 14.63 10.72
CA VAL B 40 11.03 15.08 11.66
C VAL B 40 12.41 15.09 10.99
N TYR B 41 12.73 14.00 10.30
CA TYR B 41 14.00 13.90 9.56
C TYR B 41 14.17 15.06 8.58
N MET B 42 13.12 15.33 7.80
CA MET B 42 13.18 16.38 6.79
C MET B 42 13.36 17.75 7.40
N VAL B 43 12.58 18.04 8.45
CA VAL B 43 12.76 19.29 9.20
C VAL B 43 14.20 19.43 9.71
N HIS B 44 14.74 18.37 10.32
CA HIS B 44 16.11 18.40 10.84
C HIS B 44 17.18 18.60 9.75
N ARG B 45 17.05 17.89 8.63
CA ARG B 45 18.01 18.05 7.53
C ARG B 45 17.95 19.44 6.91
N SER B 46 16.74 19.97 6.73
CA SER B 46 16.57 21.26 6.06
C SER B 46 16.86 22.46 6.99
N CYS B 47 16.40 22.37 8.24
CA CYS B 47 16.42 23.53 9.15
C CYS B 47 17.38 23.38 10.34
N GLY B 48 17.98 22.20 10.48
CA GLY B 48 18.90 21.92 11.61
C GLY B 48 18.27 21.13 12.74
N THR B 49 19.08 20.38 13.47
CA THR B 49 18.59 19.46 14.51
C THR B 49 18.07 20.13 15.80
N SER B 50 18.39 21.42 16.00
CA SER B 50 17.95 22.13 17.19
C SER B 50 17.08 23.36 16.89
N CYS B 51 16.57 23.43 15.65
CA CYS B 51 15.72 24.56 15.22
C CYS B 51 14.36 24.54 15.92
N PHE B 52 13.86 23.35 16.20
CA PHE B 52 12.70 23.19 17.07
C PHE B 52 13.10 22.35 18.27
N GLU B 53 12.42 22.57 19.39
CA GLU B 53 12.52 21.69 20.53
C GLU B 53 11.83 20.37 20.15
N LEU B 54 12.56 19.26 20.24
CA LEU B 54 12.11 17.98 19.71
C LEU B 54 10.74 17.60 20.26
N GLU B 55 10.57 17.79 21.57
CA GLU B 55 9.33 17.44 22.25
C GLU B 55 8.12 18.20 21.72
N LYS B 56 8.25 19.51 21.56
CA LYS B 56 7.17 20.34 21.04
C LYS B 56 6.85 19.95 19.60
N LEU B 57 7.90 19.71 18.80
CA LEU B 57 7.73 19.35 17.39
C LEU B 57 7.03 18.01 17.26
N CYS B 58 7.39 17.06 18.11
CA CYS B 58 6.75 15.76 18.06
C CYS B 58 5.28 15.85 18.46
N ARG B 59 4.98 16.69 19.45
CA ARG B 59 3.58 16.88 19.87
C ARG B 59 2.80 17.56 18.77
N PHE B 60 3.41 18.57 18.15
CA PHE B 60 2.77 19.28 17.04
C PHE B 60 2.42 18.33 15.90
N ILE B 61 3.39 17.52 15.47
CA ILE B 61 3.18 16.56 14.37
C ILE B 61 2.03 15.59 14.68
N MET B 62 2.01 15.05 15.90
CA MET B 62 0.94 14.09 16.24
C MET B 62 -0.46 14.72 16.30
N SER B 63 -0.54 16.00 16.69
CA SER B 63 -1.82 16.70 16.71
C SER B 63 -2.28 17.09 15.30
N VAL B 64 -1.32 17.34 14.41
CA VAL B 64 -1.63 17.60 12.99
C VAL B 64 -2.19 16.32 12.36
N LYS B 65 -1.53 15.19 12.64
CA LYS B 65 -1.99 13.90 12.13
C LYS B 65 -3.41 13.60 12.60
N LYS B 66 -3.67 13.82 13.89
CA LYS B 66 -4.97 13.57 14.51
C LYS B 66 -6.08 14.42 13.88
N ASN B 67 -5.70 15.55 13.29
CA ASN B 67 -6.68 16.47 12.74
C ASN B 67 -6.86 16.41 11.22
N TYR B 68 -6.22 15.42 10.59
CA TYR B 68 -6.60 15.00 9.23
C TYR B 68 -7.65 13.91 9.34
N ARG B 69 -8.66 13.98 8.50
CA ARG B 69 -9.78 13.04 8.57
C ARG B 69 -9.52 11.78 7.75
N ARG B 70 -10.37 10.77 7.92
CA ARG B 70 -10.24 9.50 7.20
C ARG B 70 -10.96 9.55 5.84
N VAL B 71 -10.65 10.57 5.05
CA VAL B 71 -11.23 10.73 3.71
C VAL B 71 -10.32 9.99 2.71
N PRO B 72 -10.81 9.72 1.49
CA PRO B 72 -10.01 8.92 0.55
C PRO B 72 -8.70 9.58 0.08
N TYR B 73 -8.70 10.90 -0.08
CA TYR B 73 -7.50 11.56 -0.62
C TYR B 73 -6.88 12.64 0.27
N HIS B 74 -7.70 13.59 0.73
CA HIS B 74 -7.17 14.73 1.49
C HIS B 74 -6.92 14.35 2.96
N ASN B 75 -6.01 13.42 3.15
CA ASN B 75 -5.75 12.82 4.45
C ASN B 75 -4.29 12.98 4.86
N TRP B 76 -3.90 12.29 5.91
CA TRP B 76 -2.54 12.44 6.46
C TRP B 76 -1.47 12.02 5.46
N LYS B 77 -1.75 10.97 4.67
CA LYS B 77 -0.84 10.55 3.60
C LYS B 77 -0.56 11.70 2.63
N HIS B 78 -1.61 12.39 2.20
CA HIS B 78 -1.47 13.54 1.30
C HIS B 78 -0.59 14.63 1.92
N ALA B 79 -0.86 14.97 3.18
CA ALA B 79 -0.05 15.99 3.89
C ALA B 79 1.45 15.66 3.84
N VAL B 80 1.81 14.40 4.11
CA VAL B 80 3.24 14.04 4.16
C VAL B 80 3.86 14.00 2.76
N THR B 81 3.05 13.59 1.77
CA THR B 81 3.50 13.57 0.38
C THR B 81 3.87 14.99 -0.11
N VAL B 82 3.02 15.95 0.22
CA VAL B 82 3.24 17.34 -0.20
C VAL B 82 4.47 17.90 0.55
N ALA B 83 4.57 17.60 1.85
CA ALA B 83 5.74 18.03 2.63
C ALA B 83 7.05 17.48 2.07
N HIS B 84 7.03 16.19 1.69
CA HIS B 84 8.20 15.60 1.06
C HIS B 84 8.61 16.31 -0.24
N CYS B 85 7.65 16.60 -1.12
CA CYS B 85 7.97 17.28 -2.35
C CYS B 85 8.62 18.65 -2.04
N MET B 86 8.11 19.35 -1.01
CA MET B 86 8.68 20.65 -0.63
C MET B 86 10.12 20.49 -0.14
N TYR B 87 10.35 19.46 0.65
CA TYR B 87 11.70 19.12 1.13
C TYR B 87 12.66 18.95 -0.05
N ALA B 88 12.26 18.15 -1.04
CA ALA B 88 13.08 17.97 -2.23
C ALA B 88 13.35 19.29 -2.98
N ILE B 89 12.32 20.14 -3.12
CA ILE B 89 12.54 21.45 -3.77
C ILE B 89 13.55 22.31 -2.98
N LEU B 90 13.34 22.38 -1.65
CA LEU B 90 14.20 23.21 -0.79
C LEU B 90 15.64 22.71 -0.79
N GLN B 91 15.82 21.39 -0.68
CA GLN B 91 17.17 20.81 -0.63
C GLN B 91 17.94 21.13 -1.90
N ASN B 92 17.22 21.14 -3.03
CA ASN B 92 17.82 21.42 -4.33
C ASN B 92 17.97 22.92 -4.65
N ASN B 93 17.42 23.78 -3.81
CA ASN B 93 17.46 25.24 -4.01
C ASN B 93 17.71 25.94 -2.66
N HIS B 94 18.54 25.32 -1.82
CA HIS B 94 18.59 25.61 -0.40
C HIS B 94 18.79 27.09 -0.04
N THR B 95 19.84 27.69 -0.60
CA THR B 95 20.22 29.04 -0.23
C THR B 95 19.41 30.16 -0.89
N LEU B 96 18.47 29.80 -1.78
CA LEU B 96 17.54 30.80 -2.29
C LEU B 96 16.51 31.20 -1.22
N PHE B 97 16.40 30.41 -0.16
CA PHE B 97 15.35 30.62 0.85
C PHE B 97 15.97 30.82 2.22
N THR B 98 15.30 31.59 3.06
CA THR B 98 15.80 31.87 4.40
C THR B 98 15.44 30.72 5.34
N ASP B 99 16.11 30.68 6.50
CA ASP B 99 15.79 29.71 7.54
C ASP B 99 14.31 29.75 7.93
N LEU B 100 13.78 30.97 8.05
CA LEU B 100 12.38 31.15 8.41
C LEU B 100 11.46 30.63 7.32
N GLU B 101 11.80 30.90 6.06
CA GLU B 101 10.99 30.41 4.94
C GLU B 101 10.98 28.88 4.89
N ARG B 102 12.11 28.26 5.15
CA ARG B 102 12.16 26.79 5.06
C ARG B 102 11.32 26.14 6.16
N LYS B 103 11.44 26.66 7.39
CA LYS B 103 10.64 26.19 8.51
C LYS B 103 9.17 26.37 8.18
N GLY B 104 8.83 27.58 7.75
CA GLY B 104 7.44 27.94 7.46
C GLY B 104 6.83 27.10 6.36
N LEU B 105 7.60 26.89 5.30
CA LEU B 105 7.09 26.13 4.14
C LEU B 105 6.89 24.66 4.43
N LEU B 106 7.81 24.05 5.19
CA LEU B 106 7.66 22.65 5.52
C LEU B 106 6.43 22.45 6.42
N ILE B 107 6.30 23.32 7.42
CA ILE B 107 5.11 23.30 8.28
C ILE B 107 3.82 23.59 7.50
N ALA B 108 3.83 24.60 6.62
CA ALA B 108 2.68 24.95 5.80
C ALA B 108 2.22 23.74 4.98
N CYS B 109 3.16 23.06 4.34
CA CYS B 109 2.82 21.85 3.57
C CYS B 109 2.18 20.75 4.43
N LEU B 110 2.72 20.49 5.61
CA LEU B 110 2.15 19.44 6.47
C LEU B 110 0.71 19.81 6.88
N CYS B 111 0.48 21.11 7.05
CA CYS B 111 -0.79 21.60 7.57
C CYS B 111 -1.79 22.04 6.50
N HIS B 112 -1.39 22.02 5.23
CA HIS B 112 -2.14 22.79 4.20
C HIS B 112 -3.57 22.34 3.88
N ASP B 113 -3.90 21.09 4.21
CA ASP B 113 -5.28 20.56 4.07
C ASP B 113 -5.89 20.10 5.40
N LEU B 114 -5.44 20.66 6.53
CA LEU B 114 -5.96 20.26 7.85
C LEU B 114 -7.48 20.28 7.98
N ASP B 115 -8.04 19.21 8.54
CA ASP B 115 -9.49 19.10 8.77
C ASP B 115 -10.32 19.17 7.47
N HIS B 116 -9.73 18.73 6.36
CA HIS B 116 -10.49 18.65 5.10
C HIS B 116 -11.61 17.63 5.28
N ARG B 117 -12.80 17.92 4.75
CA ARG B 117 -13.94 17.01 4.88
C ARG B 117 -14.27 16.29 3.56
N GLY B 118 -13.46 16.51 2.54
CA GLY B 118 -13.67 15.87 1.24
C GLY B 118 -14.60 16.64 0.30
N PHE B 119 -14.83 17.92 0.62
CA PHE B 119 -15.69 18.77 -0.21
C PHE B 119 -14.96 19.96 -0.80
N SER B 120 -15.31 20.30 -2.03
CA SER B 120 -14.74 21.46 -2.72
C SER B 120 -15.25 22.78 -2.14
N ASN B 121 -14.50 23.86 -2.34
CA ASN B 121 -15.00 25.21 -2.06
C ASN B 121 -16.34 25.49 -2.75
N SER B 122 -16.49 24.99 -3.97
CA SER B 122 -17.71 25.21 -4.74
C SER B 122 -18.93 24.61 -4.07
N TYR B 123 -18.79 23.37 -3.59
CA TYR B 123 -19.87 22.70 -2.86
C TYR B 123 -20.26 23.50 -1.62
N LEU B 124 -19.28 23.89 -0.80
CA LEU B 124 -19.56 24.60 0.44
C LEU B 124 -20.24 25.94 0.21
N GLN B 125 -19.81 26.65 -0.84
CA GLN B 125 -20.40 27.94 -1.21
C GLN B 125 -21.79 27.77 -1.81
N LYS B 126 -21.95 26.76 -2.67
CA LYS B 126 -23.24 26.52 -3.33
C LYS B 126 -24.32 26.10 -2.33
N PHE B 127 -23.94 25.26 -1.37
CA PHE B 127 -24.88 24.73 -0.38
C PHE B 127 -24.82 25.48 0.95
N ASP B 128 -24.28 26.70 0.92
CA ASP B 128 -24.24 27.61 2.07
C ASP B 128 -23.86 26.92 3.39
N HIS B 129 -22.72 26.23 3.37
CA HIS B 129 -22.15 25.63 4.56
C HIS B 129 -21.65 26.75 5.48
N PRO B 130 -21.64 26.54 6.82
CA PRO B 130 -21.17 27.58 7.73
C PRO B 130 -19.75 28.08 7.43
N LEU B 131 -18.89 27.21 6.89
CA LEU B 131 -17.53 27.61 6.53
C LEU B 131 -17.49 28.70 5.46
N ALA B 132 -18.40 28.62 4.48
CA ALA B 132 -18.44 29.58 3.38
C ALA B 132 -18.97 30.96 3.82
N ALA B 133 -19.80 30.97 4.87
CA ALA B 133 -20.26 32.23 5.47
C ALA B 133 -19.11 32.94 6.17
N LEU B 134 -18.24 32.15 6.82
CA LEU B 134 -17.06 32.67 7.50
C LEU B 134 -15.97 33.09 6.50
N TYR B 135 -15.72 32.24 5.49
CA TYR B 135 -14.70 32.51 4.48
C TYR B 135 -15.28 32.53 3.05
N SER B 136 -15.48 33.72 2.51
CA SER B 136 -16.20 33.86 1.24
C SER B 136 -15.41 33.39 0.02
N THR B 137 -14.09 33.52 0.07
CA THR B 137 -13.23 32.99 -0.99
C THR B 137 -12.13 32.12 -0.37
N SER B 138 -11.54 31.25 -1.17
CA SER B 138 -10.55 30.29 -0.66
C SER B 138 -11.04 29.66 0.65
N THR B 139 -12.28 29.18 0.64
CA THR B 139 -13.00 28.78 1.85
C THR B 139 -12.25 27.77 2.71
N MET B 140 -11.95 26.61 2.15
CA MET B 140 -11.27 25.56 2.91
C MET B 140 -9.85 25.98 3.29
N GLU B 141 -9.17 26.69 2.40
CA GLU B 141 -7.78 27.11 2.65
C GLU B 141 -7.66 28.08 3.84
N GLN B 142 -8.62 29.00 3.98
CA GLN B 142 -8.66 29.84 5.17
C GLN B 142 -8.90 29.00 6.44
N HIS B 143 -9.81 28.03 6.35
CA HIS B 143 -10.03 27.08 7.43
C HIS B 143 -8.77 26.29 7.80
N HIS B 144 -8.06 25.78 6.77
CA HIS B 144 -6.80 25.05 7.02
C HIS B 144 -5.79 25.90 7.81
N PHE B 145 -5.67 27.17 7.44
CA PHE B 145 -4.80 28.09 8.18
C PHE B 145 -5.28 28.32 9.61
N SER B 146 -6.58 28.55 9.76
CA SER B 146 -7.20 28.69 11.06
C SER B 146 -6.90 27.48 11.95
N GLN B 147 -7.01 26.27 11.39
CA GLN B 147 -6.71 25.03 12.11
C GLN B 147 -5.26 24.91 12.53
N THR B 148 -4.35 25.40 11.68
CA THR B 148 -2.91 25.40 11.96
C THR B 148 -2.60 26.26 13.19
N VAL B 149 -3.20 27.45 13.23
CA VAL B 149 -3.03 28.38 14.35
C VAL B 149 -3.60 27.78 15.64
N SER B 150 -4.75 27.13 15.54
CA SER B 150 -5.38 26.47 16.70
C SER B 150 -4.46 25.42 17.32
N ILE B 151 -3.79 24.64 16.47
CA ILE B 151 -2.86 23.62 16.96
C ILE B 151 -1.62 24.24 17.59
N LEU B 152 -1.07 25.28 16.97
CA LEU B 152 0.07 26.01 17.53
C LEU B 152 -0.24 26.55 18.92
N GLN B 153 -1.50 26.95 19.13
CA GLN B 153 -1.94 27.54 20.38
C GLN B 153 -2.35 26.51 21.46
N LEU B 154 -2.28 25.22 21.12
CA LEU B 154 -2.46 24.16 22.12
C LEU B 154 -1.28 24.14 23.12
N GLU B 155 -1.58 23.74 24.36
CA GLU B 155 -0.57 23.63 25.41
C GLU B 155 0.64 22.81 24.96
N GLY B 156 1.82 23.42 25.00
CA GLY B 156 3.07 22.75 24.65
C GLY B 156 3.25 22.44 23.16
N HIS B 157 2.44 23.09 22.33
CA HIS B 157 2.50 22.86 20.89
C HIS B 157 3.15 23.99 20.12
N ASN B 158 3.54 25.06 20.80
CA ASN B 158 4.07 26.23 20.10
C ASN B 158 5.54 26.08 19.70
N ILE B 159 5.74 25.46 18.55
CA ILE B 159 7.06 25.20 18.03
C ILE B 159 7.80 26.48 17.64
N PHE B 160 7.06 27.58 17.58
CA PHE B 160 7.66 28.87 17.23
C PHE B 160 7.82 29.78 18.45
N SER B 161 7.79 29.20 19.65
CA SER B 161 7.81 30.00 20.89
C SER B 161 9.13 30.74 21.17
N THR B 162 10.23 30.28 20.56
CA THR B 162 11.52 30.92 20.80
C THR B 162 11.84 32.06 19.81
N LEU B 163 10.94 32.30 18.86
CA LEU B 163 11.08 33.41 17.94
C LEU B 163 10.75 34.73 18.62
N SER B 164 11.33 35.82 18.12
CA SER B 164 10.88 37.16 18.49
C SER B 164 9.45 37.30 18.01
N SER B 165 8.70 38.25 18.57
CA SER B 165 7.34 38.46 18.10
C SER B 165 7.34 38.85 16.63
N SER B 166 8.37 39.62 16.21
CA SER B 166 8.49 40.01 14.81
C SER B 166 8.65 38.79 13.90
N GLU B 167 9.53 37.88 14.28
CA GLU B 167 9.76 36.70 13.46
C GLU B 167 8.61 35.71 13.50
N TYR B 168 7.93 35.65 14.65
CA TYR B 168 6.72 34.81 14.78
C TYR B 168 5.62 35.28 13.82
N GLU B 169 5.40 36.59 13.78
CA GLU B 169 4.47 37.19 12.83
C GLU B 169 4.89 36.92 11.38
N GLN B 170 6.18 37.02 11.09
CA GLN B 170 6.70 36.75 9.76
C GLN B 170 6.45 35.31 9.32
N VAL B 171 6.77 34.35 10.18
CA VAL B 171 6.58 32.94 9.78
C VAL B 171 5.09 32.61 9.63
N LEU B 172 4.24 33.17 10.49
CA LEU B 172 2.81 32.92 10.35
C LEU B 172 2.27 33.50 9.05
N GLU B 173 2.82 34.64 8.60
CA GLU B 173 2.41 35.22 7.32
C GLU B 173 2.93 34.38 6.14
N ILE B 174 4.15 33.86 6.25
CA ILE B 174 4.67 32.91 5.24
C ILE B 174 3.71 31.72 5.14
N ILE B 175 3.32 31.17 6.29
CA ILE B 175 2.44 29.99 6.34
C ILE B 175 1.07 30.34 5.75
N ARG B 176 0.51 31.48 6.14
CA ARG B 176 -0.81 31.90 5.64
C ARG B 176 -0.83 32.04 4.13
N LYS B 177 0.13 32.76 3.58
CA LYS B 177 0.21 32.95 2.13
C LYS B 177 0.41 31.63 1.41
N ALA B 178 1.28 30.78 1.94
CA ALA B 178 1.54 29.45 1.35
C ALA B 178 0.27 28.58 1.31
N ILE B 179 -0.46 28.53 2.42
CA ILE B 179 -1.69 27.72 2.47
C ILE B 179 -2.78 28.28 1.53
N ILE B 180 -2.97 29.60 1.55
CA ILE B 180 -3.94 30.23 0.63
C ILE B 180 -3.60 29.93 -0.84
N ALA B 181 -2.30 29.93 -1.16
CA ALA B 181 -1.83 29.65 -2.52
C ALA B 181 -2.25 28.28 -3.04
N THR B 182 -2.55 27.33 -2.14
CA THR B 182 -3.00 25.99 -2.55
C THR B 182 -4.44 25.96 -3.06
N ASP B 183 -5.15 27.09 -2.96
CA ASP B 183 -6.43 27.21 -3.66
C ASP B 183 -6.13 27.29 -5.15
N LEU B 184 -6.41 26.20 -5.89
CA LEU B 184 -6.07 26.12 -7.30
C LEU B 184 -6.70 27.24 -8.14
N ALA B 185 -7.82 27.79 -7.66
CA ALA B 185 -8.46 28.93 -8.35
C ALA B 185 -7.48 30.10 -8.48
N LEU B 186 -6.53 30.21 -7.55
CA LEU B 186 -5.54 31.28 -7.58
C LEU B 186 -4.30 30.95 -8.41
N TYR B 187 -4.05 29.66 -8.62
CA TYR B 187 -2.88 29.19 -9.37
C TYR B 187 -2.79 29.75 -10.79
N PHE B 188 -3.90 29.73 -11.52
CA PHE B 188 -3.88 30.07 -12.95
C PHE B 188 -3.35 31.48 -13.18
N GLY B 189 -3.84 32.43 -12.39
CA GLY B 189 -3.36 33.82 -12.44
C GLY B 189 -1.90 33.93 -12.04
N ASN B 190 -1.54 33.25 -10.96
CA ASN B 190 -0.17 33.27 -10.48
C ASN B 190 0.83 32.75 -11.52
N ARG B 191 0.51 31.62 -12.13
CA ARG B 191 1.40 31.01 -13.13
C ARG B 191 1.57 31.89 -14.37
N LYS B 192 0.48 32.53 -14.81
CA LYS B 192 0.52 33.44 -15.96
C LYS B 192 1.43 34.66 -15.71
N GLN B 193 1.32 35.24 -14.51
CA GLN B 193 2.18 36.36 -14.10
C GLN B 193 3.65 35.95 -14.05
N LEU B 194 3.95 34.82 -13.42
CA LEU B 194 5.31 34.30 -13.33
C LEU B 194 5.91 34.01 -14.70
N GLU B 195 5.11 33.44 -15.60
CA GLU B 195 5.59 33.09 -16.94
C GLU B 195 6.01 34.34 -17.69
N GLU B 196 5.22 35.41 -17.54
CA GLU B 196 5.52 36.71 -18.15
C GLU B 196 6.81 37.31 -17.58
N MET B 197 6.98 37.25 -16.25
CA MET B 197 8.15 37.80 -15.58
C MET B 197 9.44 37.09 -16.00
N TYR B 198 9.36 35.77 -16.15
CA TYR B 198 10.49 34.98 -16.61
C TYR B 198 10.81 35.27 -18.08
N GLN B 199 9.75 35.44 -18.88
CA GLN B 199 9.92 35.69 -20.32
C GLN B 199 10.53 37.05 -20.62
N THR B 200 10.12 38.08 -19.88
CA THR B 200 10.68 39.43 -20.06
C THR B 200 12.02 39.60 -19.35
N GLY B 201 12.34 38.69 -18.43
CA GLY B 201 13.57 38.75 -17.65
C GLY B 201 13.46 39.67 -16.44
N SER B 202 12.24 39.88 -15.97
CA SER B 202 11.96 40.80 -14.88
C SER B 202 11.84 40.11 -13.52
N LEU B 203 11.77 38.79 -13.53
CA LEU B 203 11.67 38.05 -12.27
C LEU B 203 12.89 38.32 -11.40
N ASN B 204 12.63 38.70 -10.15
CA ASN B 204 13.68 39.05 -9.22
C ASN B 204 13.31 38.58 -7.81
N LEU B 205 14.01 37.55 -7.32
CA LEU B 205 13.67 36.95 -6.03
C LEU B 205 13.87 37.89 -4.83
N ASN B 206 14.61 38.97 -5.03
CA ASN B 206 14.80 39.99 -3.99
C ASN B 206 13.60 40.93 -3.91
N ASN B 207 12.67 40.75 -4.84
CA ASN B 207 11.42 41.50 -4.88
C ASN B 207 10.38 40.64 -4.14
N GLN B 208 9.92 41.13 -2.99
CA GLN B 208 9.05 40.32 -2.10
C GLN B 208 7.80 39.76 -2.78
N SER B 209 7.18 40.57 -3.64
CA SER B 209 5.99 40.15 -4.37
C SER B 209 6.30 39.03 -5.34
N HIS B 210 7.46 39.11 -5.98
CA HIS B 210 7.92 38.03 -6.87
C HIS B 210 8.20 36.77 -6.06
N ARG B 211 8.82 36.97 -4.90
CA ARG B 211 9.14 35.91 -3.96
C ARG B 211 7.89 35.17 -3.48
N ASP B 212 6.86 35.92 -3.13
CA ASP B 212 5.59 35.34 -2.71
C ASP B 212 4.97 34.49 -3.82
N ARG B 213 5.05 34.98 -5.06
CA ARG B 213 4.50 34.29 -6.22
C ARG B 213 5.24 32.98 -6.49
N VAL B 214 6.56 33.02 -6.43
CA VAL B 214 7.38 31.80 -6.61
C VAL B 214 7.04 30.75 -5.54
N ILE B 215 6.93 31.17 -4.28
CA ILE B 215 6.54 30.28 -3.19
C ILE B 215 5.15 29.69 -3.45
N GLY B 216 4.23 30.52 -3.93
CA GLY B 216 2.91 30.05 -4.33
C GLY B 216 2.95 28.95 -5.38
N LEU B 217 3.80 29.13 -6.40
CA LEU B 217 3.92 28.11 -7.45
C LEU B 217 4.54 26.85 -6.88
N MET B 218 5.54 27.01 -6.00
CA MET B 218 6.13 25.86 -5.31
C MET B 218 5.05 25.08 -4.55
N MET B 219 4.16 25.80 -3.88
CA MET B 219 3.06 25.15 -3.14
C MET B 219 2.14 24.38 -4.08
N THR B 220 1.81 24.97 -5.23
CA THR B 220 0.99 24.26 -6.23
C THR B 220 1.69 22.97 -6.68
N ALA B 221 2.97 23.11 -7.03
CA ALA B 221 3.76 21.99 -7.51
C ALA B 221 3.80 20.85 -6.50
N CYS B 222 3.95 21.20 -5.22
CA CYS B 222 3.99 20.19 -4.17
C CYS B 222 2.62 19.55 -3.99
N ASP B 223 1.60 20.39 -3.96
CA ASP B 223 0.22 19.94 -3.80
C ASP B 223 -0.19 18.95 -4.91
N LEU B 224 0.26 19.21 -6.14
CA LEU B 224 -0.05 18.35 -7.29
C LEU B 224 0.90 17.18 -7.53
N CYS B 225 1.90 16.99 -6.67
CA CYS B 225 3.03 16.10 -7.02
C CYS B 225 2.72 14.62 -7.24
N SER B 226 1.53 14.17 -6.84
CA SER B 226 1.11 12.80 -7.17
C SER B 226 1.16 12.52 -8.67
N VAL B 227 1.02 13.57 -9.49
CA VAL B 227 1.15 13.39 -10.95
C VAL B 227 2.61 13.26 -11.43
N THR B 228 3.55 13.30 -10.49
CA THR B 228 4.99 13.20 -10.80
C THR B 228 5.63 11.92 -10.27
N LYS B 229 4.81 10.97 -9.82
CA LYS B 229 5.33 9.69 -9.32
C LYS B 229 5.40 8.69 -10.48
N LEU B 230 5.92 7.49 -10.22
CA LEU B 230 5.87 6.41 -11.21
C LEU B 230 4.43 6.08 -11.57
N TRP B 231 4.20 5.70 -12.82
CA TRP B 231 2.84 5.49 -13.35
C TRP B 231 1.90 4.68 -12.42
N PRO B 232 2.35 3.52 -11.90
CA PRO B 232 1.44 2.78 -11.01
C PRO B 232 1.02 3.55 -9.75
N VAL B 233 1.90 4.40 -9.22
CA VAL B 233 1.59 5.22 -8.04
C VAL B 233 0.61 6.34 -8.41
N THR B 234 0.88 7.02 -9.52
CA THR B 234 0.02 8.10 -10.01
C THR B 234 -1.41 7.58 -10.31
N LYS B 235 -1.50 6.40 -10.94
CA LYS B 235 -2.78 5.76 -11.21
C LYS B 235 -3.56 5.43 -9.93
N LEU B 236 -2.90 4.83 -8.94
CA LEU B 236 -3.58 4.50 -7.68
C LEU B 236 -4.01 5.77 -6.94
N THR B 237 -3.21 6.83 -7.02
CA THR B 237 -3.60 8.08 -6.39
C THR B 237 -4.82 8.68 -7.10
N ALA B 238 -4.85 8.57 -8.42
CA ALA B 238 -6.00 9.04 -9.19
C ALA B 238 -7.28 8.35 -8.71
N ASN B 239 -7.18 7.05 -8.41
CA ASN B 239 -8.30 6.31 -7.81
C ASN B 239 -8.82 6.99 -6.56
N ASP B 240 -7.90 7.40 -5.67
CA ASP B 240 -8.27 8.07 -4.41
C ASP B 240 -8.89 9.45 -4.63
N ILE B 241 -8.32 10.18 -5.58
CA ILE B 241 -8.85 11.51 -5.93
C ILE B 241 -10.30 11.41 -6.42
N TYR B 242 -10.54 10.51 -7.36
CA TYR B 242 -11.87 10.36 -7.93
C TYR B 242 -12.86 9.76 -6.94
N ALA B 243 -12.37 8.92 -6.03
CA ALA B 243 -13.20 8.41 -4.93
C ALA B 243 -13.79 9.58 -4.15
N GLU B 244 -12.95 10.58 -3.86
CA GLU B 244 -13.43 11.76 -3.16
C GLU B 244 -14.35 12.62 -4.04
N PHE B 245 -13.99 12.82 -5.30
CA PHE B 245 -14.85 13.56 -6.24
C PHE B 245 -16.25 12.93 -6.35
N TRP B 246 -16.26 11.61 -6.50
CA TRP B 246 -17.53 10.89 -6.71
C TRP B 246 -18.41 10.91 -5.47
N ALA B 247 -17.78 10.82 -4.30
CA ALA B 247 -18.51 10.92 -3.04
C ALA B 247 -19.21 12.28 -2.92
N GLU B 248 -18.53 13.35 -3.31
CA GLU B 248 -19.14 14.68 -3.36
C GLU B 248 -20.30 14.72 -4.38
N GLY B 249 -20.09 14.15 -5.57
CA GLY B 249 -21.14 14.04 -6.57
C GLY B 249 -22.35 13.27 -6.05
N ASP B 250 -22.09 12.18 -5.32
CA ASP B 250 -23.14 11.36 -4.74
C ASP B 250 -24.00 12.18 -3.78
N GLU B 251 -23.35 13.01 -2.96
CA GLU B 251 -24.07 13.88 -2.02
C GLU B 251 -24.94 14.90 -2.74
N MET B 252 -24.49 15.37 -3.90
CA MET B 252 -25.26 16.31 -4.71
C MET B 252 -26.47 15.63 -5.34
N LYS B 253 -26.28 14.40 -5.82
CA LYS B 253 -27.39 13.62 -6.41
C LYS B 253 -28.49 13.35 -5.38
N LYS B 254 -28.10 13.12 -4.13
CA LYS B 254 -29.06 12.98 -3.03
C LYS B 254 -29.89 14.25 -2.83
N LEU B 255 -29.28 15.40 -3.08
CA LEU B 255 -29.97 16.70 -2.98
C LEU B 255 -30.63 17.11 -4.30
N GLY B 256 -30.85 16.12 -5.17
CA GLY B 256 -31.51 16.31 -6.47
C GLY B 256 -30.79 17.16 -7.49
N ILE B 257 -29.48 17.35 -7.31
CA ILE B 257 -28.69 18.21 -8.19
C ILE B 257 -27.59 17.41 -8.92
N GLN B 258 -27.65 17.45 -10.25
CA GLN B 258 -26.67 16.80 -11.11
C GLN B 258 -25.28 17.39 -10.89
N PRO B 259 -24.28 16.55 -10.56
CA PRO B 259 -22.93 17.07 -10.41
C PRO B 259 -22.23 17.20 -11.76
N ILE B 260 -21.11 17.93 -11.78
CA ILE B 260 -20.22 17.99 -12.93
C ILE B 260 -19.65 16.60 -13.24
N PRO B 261 -19.34 16.33 -14.53
CA PRO B 261 -18.88 14.99 -14.96
C PRO B 261 -17.74 14.43 -14.09
N MET B 262 -16.78 15.28 -13.73
CA MET B 262 -15.68 14.93 -12.85
C MET B 262 -16.11 14.25 -11.55
N MET B 263 -17.27 14.64 -11.03
CA MET B 263 -17.78 14.15 -9.74
C MET B 263 -18.90 13.12 -9.88
N ASP B 264 -19.11 12.64 -11.10
CA ASP B 264 -20.20 11.73 -11.41
C ASP B 264 -19.63 10.33 -11.61
N ARG B 265 -19.89 9.44 -10.66
CA ARG B 265 -19.36 8.06 -10.75
C ARG B 265 -19.97 7.28 -11.92
N ASP B 266 -21.05 7.80 -12.48
CA ASP B 266 -21.67 7.21 -13.67
C ASP B 266 -20.97 7.63 -14.97
N LYS B 267 -19.95 8.46 -14.84
CA LYS B 267 -19.22 8.99 -15.98
C LYS B 267 -17.71 8.67 -15.92
N LYS B 268 -17.40 7.45 -15.46
CA LYS B 268 -16.00 7.02 -15.35
C LYS B 268 -15.25 7.01 -16.68
N ASP B 269 -15.96 6.78 -17.78
CA ASP B 269 -15.32 6.71 -19.11
C ASP B 269 -14.66 8.02 -19.53
N GLU B 270 -15.09 9.12 -18.91
CA GLU B 270 -14.61 10.45 -19.24
C GLU B 270 -13.33 10.81 -18.52
N VAL B 271 -12.88 9.94 -17.61
CA VAL B 271 -11.72 10.24 -16.74
C VAL B 271 -10.39 10.40 -17.50
N PRO B 272 -10.08 9.49 -18.44
CA PRO B 272 -8.83 9.71 -19.17
C PRO B 272 -8.75 11.08 -19.88
N GLN B 273 -9.83 11.47 -20.58
CA GLN B 273 -9.91 12.79 -21.18
C GLN B 273 -9.85 13.92 -20.14
N GLY B 274 -10.50 13.72 -19.00
CA GLY B 274 -10.43 14.65 -17.87
C GLY B 274 -9.00 14.85 -17.36
N GLN B 275 -8.28 13.74 -17.18
CA GLN B 275 -6.86 13.80 -16.79
C GLN B 275 -6.00 14.47 -17.85
N LEU B 276 -6.29 14.19 -19.12
CA LEU B 276 -5.59 14.83 -20.21
C LEU B 276 -5.77 16.34 -20.14
N GLY B 277 -7.01 16.78 -19.91
CA GLY B 277 -7.32 18.20 -19.77
C GLY B 277 -6.61 18.81 -18.57
N PHE B 278 -6.51 18.03 -17.49
CA PHE B 278 -5.83 18.49 -16.29
C PHE B 278 -4.33 18.67 -16.51
N TYR B 279 -3.69 17.70 -17.15
CA TYR B 279 -2.25 17.81 -17.43
C TYR B 279 -1.97 18.97 -18.38
N ASN B 280 -2.79 19.09 -19.42
CA ASN B 280 -2.60 20.16 -20.42
C ASN B 280 -2.80 21.55 -19.87
N ALA B 281 -3.88 21.75 -19.10
CA ALA B 281 -4.26 23.07 -18.66
C ALA B 281 -3.67 23.45 -17.29
N VAL B 282 -3.32 22.45 -16.49
CA VAL B 282 -2.88 22.70 -15.11
C VAL B 282 -1.46 22.19 -14.79
N ALA B 283 -1.27 20.88 -14.80
CA ALA B 283 -0.02 20.26 -14.30
C ALA B 283 1.22 20.58 -15.14
N ILE B 284 1.15 20.35 -16.45
CA ILE B 284 2.29 20.64 -17.34
C ILE B 284 2.73 22.12 -17.28
N PRO B 285 1.78 23.08 -17.42
CA PRO B 285 2.23 24.48 -17.31
C PRO B 285 2.83 24.80 -15.93
N CYS B 286 2.31 24.21 -14.87
CA CYS B 286 2.87 24.38 -13.51
C CYS B 286 4.34 23.96 -13.44
N TYR B 287 4.63 22.73 -13.85
CA TYR B 287 5.99 22.20 -13.75
C TYR B 287 6.96 22.82 -14.76
N THR B 288 6.44 23.24 -15.91
CA THR B 288 7.23 23.97 -16.92
C THR B 288 7.73 25.29 -16.33
N THR B 289 6.80 26.06 -15.78
CA THR B 289 7.13 27.35 -15.21
C THR B 289 8.06 27.18 -14.00
N LEU B 290 7.83 26.14 -13.20
CA LEU B 290 8.68 25.89 -12.04
C LEU B 290 10.12 25.58 -12.46
N THR B 291 10.28 24.77 -13.50
CA THR B 291 11.60 24.38 -14.01
C THR B 291 12.34 25.59 -14.59
N GLN B 292 11.61 26.47 -15.26
CA GLN B 292 12.19 27.69 -15.80
C GLN B 292 12.77 28.56 -14.68
N ILE B 293 11.99 28.73 -13.60
CA ILE B 293 12.43 29.54 -12.47
C ILE B 293 13.48 28.83 -11.60
N LEU B 294 13.24 27.56 -11.32
CA LEU B 294 14.15 26.74 -10.50
C LEU B 294 14.59 25.49 -11.27
N PRO B 295 15.65 25.61 -12.09
CA PRO B 295 16.05 24.49 -12.96
C PRO B 295 16.25 23.13 -12.27
N PRO B 296 16.76 23.10 -11.00
CA PRO B 296 16.93 21.78 -10.36
C PRO B 296 15.61 21.00 -10.14
N THR B 297 14.46 21.65 -10.31
CA THR B 297 13.16 20.95 -10.19
C THR B 297 12.71 20.22 -11.46
N GLU B 298 13.56 20.23 -12.48
CA GLU B 298 13.25 19.60 -13.77
C GLU B 298 12.70 18.16 -13.69
N PRO B 299 13.23 17.32 -12.78
CA PRO B 299 12.70 15.94 -12.72
C PRO B 299 11.17 15.87 -12.53
N LEU B 300 10.60 16.84 -11.81
CA LEU B 300 9.14 16.86 -11.66
C LEU B 300 8.43 17.01 -13.01
N LEU B 301 8.95 17.88 -13.87
CA LEU B 301 8.38 18.08 -15.21
C LEU B 301 8.57 16.84 -16.07
N LYS B 302 9.76 16.25 -16.01
CA LYS B 302 10.05 15.01 -16.74
C LYS B 302 9.04 13.92 -16.40
N ALA B 303 8.81 13.71 -15.09
CA ALA B 303 7.87 12.70 -14.60
C ALA B 303 6.42 13.00 -14.96
N CYS B 304 6.03 14.28 -14.88
CA CYS B 304 4.70 14.71 -15.27
C CYS B 304 4.48 14.43 -16.76
N ARG B 305 5.47 14.74 -17.59
CA ARG B 305 5.41 14.45 -19.03
C ARG B 305 5.23 12.95 -19.30
N ASP B 306 5.96 12.13 -18.55
CA ASP B 306 5.85 10.67 -18.67
C ASP B 306 4.42 10.19 -18.38
N ASN B 307 3.79 10.76 -17.37
CA ASN B 307 2.42 10.38 -17.00
C ASN B 307 1.37 10.91 -17.98
N LEU B 308 1.62 12.09 -18.56
CA LEU B 308 0.76 12.60 -19.63
C LEU B 308 0.73 11.59 -20.78
N SER B 309 1.91 11.09 -21.13
CA SER B 309 2.10 10.10 -22.19
C SER B 309 1.32 8.80 -21.92
N GLN B 310 1.31 8.38 -20.65
CA GLN B 310 0.56 7.21 -20.22
C GLN B 310 -0.94 7.43 -20.37
N TRP B 311 -1.42 8.62 -20.00
CA TRP B 311 -2.84 8.93 -20.19
C TRP B 311 -3.22 8.97 -21.68
N GLU B 312 -2.36 9.55 -22.52
CA GLU B 312 -2.56 9.54 -23.97
C GLU B 312 -2.66 8.12 -24.53
N LYS B 313 -1.88 7.21 -23.95
CA LYS B 313 -1.93 5.79 -24.31
C LYS B 313 -3.27 5.15 -23.93
N VAL B 314 -3.78 5.48 -22.74
CA VAL B 314 -5.10 5.01 -22.29
C VAL B 314 -6.20 5.46 -23.25
N ILE B 315 -6.15 6.74 -23.63
CA ILE B 315 -7.12 7.33 -24.57
C ILE B 315 -7.08 6.65 -25.94
N ARG B 316 -5.89 6.51 -26.51
CA ARG B 316 -5.72 5.84 -27.81
C ARG B 316 -6.11 4.36 -27.77
N GLY B 317 -6.20 3.80 -26.58
CA GLY B 317 -6.53 2.38 -26.42
C GLY B 317 -5.34 1.48 -26.62
N GLU B 318 -4.18 1.94 -26.15
CA GLU B 318 -2.98 1.10 -26.05
C GLU B 318 -2.80 0.59 -24.62
N GLU B 319 -3.68 1.06 -23.73
CA GLU B 319 -3.71 0.62 -22.34
C GLU B 319 -5.07 0.96 -21.73
#